data_8BO7
#
_entry.id   8BO7
#
_cell.length_a   59.760
_cell.length_b   60.670
_cell.length_c   67.470
_cell.angle_alpha   90.000
_cell.angle_beta   90.000
_cell.angle_gamma   90.000
#
_symmetry.space_group_name_H-M   'P 21 21 21'
#
loop_
_entity.id
_entity.type
_entity.pdbx_description
1 polymer 'Coagulation factor XIa light chain'
2 non-polymer '4-[[(2~{S})-2-[4-(5-chloranyl-2-cyano-phenyl)-3-methoxy-6-oxidanylidene-2,5-dihydropyridin-1-yl]-3-[(2~{S})-oxan-2-yl]propanoyl]amino]benzoic acid'
3 non-polymer 'CITRIC ACID'
4 non-polymer 2-AMINO-2-HYDROXYMETHYL-PROPANE-1,3-DIOL
5 water water
#
_entity_poly.entity_id   1
_entity_poly.type   'polypeptide(L)'
_entity_poly.pdbx_seq_one_letter_code
;IVGGTASVRGEWPWQVTLHTTSPTQRHLCGGSIIGNQWILTAAHCFYGVESPKILRVYSGILNQSEIKEDTSFFGVQEII
IHDQYKMAESGYDIALLKLETTVNYTDSQRPISLPSKGDRNVIYTDCWVTGWGYRKLRDKIQNTLQKAKIPLVTNEECQK
RYRGHKITHKMICAGYREGGKDACKGDSGGPLSCKHNEVWHLVGITSWGEGCAQRERPGVYTNVVEYVDWILEKTQAV
;
_entity_poly.pdbx_strand_id   AAA
#
# COMPACT_ATOMS: atom_id res chain seq x y z
N ILE A 1 1.26 -7.81 -8.41
CA ILE A 1 2.61 -7.34 -8.89
C ILE A 1 2.99 -8.01 -10.21
N VAL A 2 3.27 -7.21 -11.22
CA VAL A 2 3.71 -7.73 -12.54
C VAL A 2 5.24 -7.80 -12.50
N GLY A 3 5.78 -8.93 -12.95
CA GLY A 3 7.21 -9.08 -13.17
C GLY A 3 7.99 -9.21 -11.87
N GLY A 4 7.31 -9.61 -10.79
CA GLY A 4 7.91 -9.73 -9.48
C GLY A 4 8.38 -11.13 -9.17
N THR A 5 8.84 -11.27 -7.96
CA THR A 5 9.37 -12.52 -7.43
C THR A 5 8.71 -12.77 -6.08
N ALA A 6 8.71 -14.02 -5.67
CA ALA A 6 8.16 -14.41 -4.37
C ALA A 6 9.00 -13.80 -3.27
N SER A 7 8.32 -13.27 -2.26
CA SER A 7 8.93 -12.85 -0.99
C SER A 7 9.05 -14.07 -0.08
N VAL A 8 9.78 -13.88 1.00
CA VAL A 8 9.93 -14.91 2.04
C VAL A 8 9.41 -14.38 3.38
N ARG A 9 9.21 -15.29 4.32
CA ARG A 9 8.75 -14.90 5.66
C ARG A 9 9.68 -13.83 6.25
N GLY A 10 9.12 -12.78 6.85
CA GLY A 10 9.90 -11.73 7.52
C GLY A 10 10.48 -10.68 6.61
N GLU A 11 10.35 -10.83 5.29
CA GLU A 11 11.02 -9.92 4.36
C GLU A 11 10.37 -8.53 4.41
N TRP A 12 9.05 -8.49 4.45
CA TRP A 12 8.30 -7.20 4.38
C TRP A 12 7.34 -7.13 5.57
N PRO A 13 7.87 -7.00 6.79
CA PRO A 13 7.06 -7.23 7.99
C PRO A 13 6.00 -6.16 8.28
N TRP A 14 6.10 -5.03 7.57
CA TRP A 14 5.06 -4.00 7.68
C TRP A 14 3.88 -4.26 6.75
N GLN A 15 4.03 -5.17 5.79
CA GLN A 15 2.93 -5.42 4.84
C GLN A 15 1.79 -6.19 5.52
N VAL A 16 0.56 -5.72 5.36
CA VAL A 16 -0.62 -6.46 5.81
C VAL A 16 -1.53 -6.73 4.62
N THR A 17 -2.44 -7.67 4.83
CA THR A 17 -3.56 -7.91 3.91
C THR A 17 -4.83 -7.57 4.66
N LEU A 18 -5.61 -6.67 4.07
N LEU A 18 -5.61 -6.66 4.08
CA LEU A 18 -6.91 -6.24 4.59
CA LEU A 18 -6.92 -6.24 4.57
C LEU A 18 -7.95 -7.12 3.89
C LEU A 18 -7.94 -7.12 3.89
N HIS A 19 -8.73 -7.85 4.67
CA HIS A 19 -9.82 -8.67 4.17
C HIS A 19 -11.16 -8.05 4.49
N THR A 20 -12.09 -8.22 3.58
CA THR A 20 -13.52 -8.04 3.86
CA THR A 20 -13.52 -8.03 3.89
C THR A 20 -14.10 -9.38 4.29
N THR A 21 -15.15 -9.35 5.06
CA THR A 21 -15.77 -10.57 5.64
C THR A 21 -17.11 -10.87 5.01
N SER A 22 -17.60 -10.02 4.15
CA SER A 22 -18.95 -10.15 3.60
CA SER A 22 -18.92 -10.26 3.54
C SER A 22 -18.95 -9.61 2.15
N PRO A 23 -19.66 -10.23 1.17
CA PRO A 23 -20.45 -11.45 1.35
C PRO A 23 -19.59 -12.71 1.40
N THR A 24 -18.31 -12.60 1.07
CA THR A 24 -17.33 -13.67 1.24
C THR A 24 -16.12 -13.07 1.93
N GLN A 25 -15.26 -13.90 2.47
CA GLN A 25 -14.02 -13.44 3.05
C GLN A 25 -12.93 -13.46 1.97
N ARG A 26 -12.36 -12.31 1.65
CA ARG A 26 -11.34 -12.20 0.63
C ARG A 26 -10.47 -11.00 0.87
N HIS A 27 -9.31 -11.04 0.26
CA HIS A 27 -8.38 -9.89 0.22
C HIS A 27 -9.06 -8.73 -0.49
N LEU A 28 -8.94 -7.56 0.11
CA LEU A 28 -9.42 -6.30 -0.46
C LEU A 28 -8.28 -5.41 -0.92
N CYS A 29 -7.27 -5.23 -0.06
CA CYS A 29 -6.21 -4.25 -0.25
C CYS A 29 -5.01 -4.62 0.58
N GLY A 30 -3.87 -4.08 0.20
CA GLY A 30 -2.72 -4.05 1.09
C GLY A 30 -2.79 -2.90 2.08
N GLY A 31 -1.81 -2.88 2.96
CA GLY A 31 -1.60 -1.80 3.92
C GLY A 31 -0.25 -1.95 4.58
N SER A 32 0.10 -0.95 5.34
CA SER A 32 1.41 -0.92 6.04
C SER A 32 1.21 -0.61 7.53
N ILE A 33 1.87 -1.41 8.36
CA ILE A 33 1.96 -1.08 9.79
C ILE A 33 2.83 0.16 9.97
N ILE A 34 2.29 1.21 10.59
CA ILE A 34 3.12 2.41 10.89
C ILE A 34 3.14 2.70 12.38
N GLY A 35 2.45 1.93 13.19
CA GLY A 35 2.49 2.11 14.64
C GLY A 35 1.72 0.97 15.28
N ASN A 36 1.66 1.01 16.60
CA ASN A 36 1.20 -0.21 17.30
C ASN A 36 -0.27 -0.49 17.12
N GLN A 37 -1.02 0.48 16.71
CA GLN A 37 -2.44 0.27 16.43
CA GLN A 37 -2.46 0.31 16.47
C GLN A 37 -2.86 0.91 15.12
N TRP A 38 -1.91 1.11 14.20
CA TRP A 38 -2.17 1.94 13.02
C TRP A 38 -1.68 1.29 11.74
N ILE A 39 -2.59 1.21 10.77
CA ILE A 39 -2.31 0.78 9.39
C ILE A 39 -2.54 1.96 8.47
N LEU A 40 -1.56 2.23 7.60
CA LEU A 40 -1.72 3.24 6.52
C LEU A 40 -2.06 2.51 5.24
N THR A 41 -3.09 2.94 4.55
CA THR A 41 -3.58 2.29 3.34
C THR A 41 -4.21 3.37 2.44
N ALA A 42 -4.90 2.93 1.39
CA ALA A 42 -5.56 3.80 0.40
C ALA A 42 -7.03 4.00 0.73
N ALA A 43 -7.48 5.24 0.62
CA ALA A 43 -8.90 5.54 0.83
C ALA A 43 -9.82 4.80 -0.13
N HIS A 44 -9.37 4.60 -1.36
N HIS A 44 -9.37 4.59 -1.37
CA HIS A 44 -10.18 3.96 -2.40
CA HIS A 44 -10.26 3.98 -2.38
C HIS A 44 -10.65 2.57 -1.96
C HIS A 44 -10.66 2.56 -1.96
N CYS A 45 -9.89 1.93 -1.10
CA CYS A 45 -10.18 0.56 -0.61
C CYS A 45 -11.58 0.47 -0.02
N PHE A 46 -12.08 1.56 0.56
CA PHE A 46 -13.32 1.50 1.35
C PHE A 46 -14.57 1.87 0.54
N TYR A 47 -14.47 1.90 -0.79
CA TYR A 47 -15.62 2.15 -1.68
C TYR A 47 -16.71 1.12 -1.29
N GLY A 48 -17.90 1.60 -0.99
CA GLY A 48 -18.98 0.65 -0.63
C GLY A 48 -18.82 -0.14 0.69
N VAL A 49 -17.74 0.07 1.49
CA VAL A 49 -17.60 -0.61 2.81
C VAL A 49 -18.52 0.12 3.80
N GLU A 50 -19.49 -0.60 4.35
CA GLU A 50 -20.58 0.04 5.12
C GLU A 50 -20.07 0.49 6.48
N SER A 51 -19.10 -0.21 7.05
CA SER A 51 -18.56 0.11 8.38
C SER A 51 -17.30 -0.68 8.60
N PRO A 52 -16.55 -0.40 9.67
CA PRO A 52 -15.37 -1.18 9.96
C PRO A 52 -15.68 -2.62 10.38
N LYS A 53 -16.95 -2.92 10.66
CA LYS A 53 -17.33 -4.25 11.21
C LYS A 53 -16.94 -5.35 10.26
N ILE A 54 -16.88 -5.07 8.96
CA ILE A 54 -16.69 -6.16 7.97
C ILE A 54 -15.20 -6.25 7.59
N LEU A 55 -14.30 -5.55 8.28
CA LEU A 55 -12.86 -5.62 7.95
C LEU A 55 -12.09 -6.53 8.91
N ARG A 56 -11.05 -7.15 8.43
CA ARG A 56 -10.05 -7.83 9.25
C ARG A 56 -8.66 -7.47 8.72
N VAL A 57 -7.74 -7.20 9.64
CA VAL A 57 -6.34 -6.97 9.24
C VAL A 57 -5.51 -8.16 9.63
N TYR A 58 -4.87 -8.78 8.66
CA TYR A 58 -3.97 -9.91 8.92
C TYR A 58 -2.54 -9.46 8.68
N SER A 59 -1.75 -9.59 9.72
CA SER A 59 -0.30 -9.29 9.73
C SER A 59 0.49 -10.61 9.76
N GLY A 60 1.75 -10.53 9.39
CA GLY A 60 2.61 -11.70 9.47
C GLY A 60 2.25 -12.76 8.45
N ILE A 61 1.58 -12.40 7.37
CA ILE A 61 1.14 -13.33 6.30
C ILE A 61 2.14 -13.35 5.16
N LEU A 62 2.56 -14.53 4.74
CA LEU A 62 3.28 -14.68 3.46
C LEU A 62 2.33 -15.15 2.38
N ASN A 63 1.68 -16.27 2.62
CA ASN A 63 0.73 -16.91 1.71
C ASN A 63 -0.69 -16.66 2.18
N GLN A 64 -1.57 -16.20 1.28
CA GLN A 64 -3.01 -16.06 1.60
C GLN A 64 -3.58 -17.38 2.11
N SER A 65 -3.06 -18.51 1.63
CA SER A 65 -3.55 -19.83 2.02
C SER A 65 -3.26 -20.13 3.49
N GLU A 66 -2.40 -19.36 4.16
CA GLU A 66 -2.16 -19.48 5.63
C GLU A 66 -3.41 -19.12 6.40
N ILE A 67 -4.29 -18.30 5.82
CA ILE A 67 -5.41 -17.71 6.55
C ILE A 67 -6.53 -18.76 6.65
N LYS A 68 -6.74 -19.24 7.87
CA LYS A 68 -7.74 -20.27 8.19
C LYS A 68 -8.60 -19.77 9.35
N GLU A 69 -9.50 -20.62 9.80
CA GLU A 69 -10.46 -20.23 10.88
C GLU A 69 -9.77 -19.95 12.21
N ASP A 70 -8.56 -20.47 12.41
CA ASP A 70 -7.82 -20.22 13.67
C ASP A 70 -6.71 -19.18 13.51
N THR A 71 -6.64 -18.50 12.38
CA THR A 71 -5.58 -17.50 12.18
C THR A 71 -5.97 -16.22 12.90
N SER A 72 -5.05 -15.68 13.71
N SER A 72 -5.05 -15.69 13.71
CA SER A 72 -5.27 -14.42 14.43
CA SER A 72 -5.28 -14.44 14.44
C SER A 72 -5.33 -13.27 13.43
C SER A 72 -5.33 -13.27 13.44
N PHE A 73 -6.16 -12.30 13.74
CA PHE A 73 -6.24 -11.06 12.98
C PHE A 73 -6.61 -9.95 13.93
N PHE A 74 -6.51 -8.73 13.46
CA PHE A 74 -6.93 -7.54 14.21
C PHE A 74 -8.27 -7.07 13.69
N GLY A 75 -9.18 -6.78 14.60
CA GLY A 75 -10.36 -6.00 14.25
C GLY A 75 -10.00 -4.55 14.00
N VAL A 76 -10.87 -3.85 13.29
CA VAL A 76 -10.69 -2.43 12.97
C VAL A 76 -11.66 -1.64 13.83
N GLN A 77 -11.13 -0.74 14.63
CA GLN A 77 -11.90 0.16 15.48
C GLN A 77 -12.42 1.35 14.70
N GLU A 78 -11.62 1.88 13.78
CA GLU A 78 -11.95 3.12 13.09
C GLU A 78 -11.27 3.14 11.73
N ILE A 79 -12.00 3.66 10.73
CA ILE A 79 -11.46 3.98 9.40
C ILE A 79 -11.41 5.51 9.30
N ILE A 80 -10.22 6.05 9.05
CA ILE A 80 -10.02 7.52 8.91
C ILE A 80 -9.64 7.81 7.48
N ILE A 81 -10.57 8.26 6.69
CA ILE A 81 -10.33 8.61 5.28
C ILE A 81 -10.03 10.09 5.20
N HIS A 82 -9.07 10.47 4.41
CA HIS A 82 -8.76 11.91 4.20
C HIS A 82 -10.04 12.65 3.76
N ASP A 83 -10.29 13.77 4.41
CA ASP A 83 -11.50 14.61 4.18
CA ASP A 83 -11.58 14.47 4.13
C ASP A 83 -11.65 15.07 2.72
N GLN A 84 -10.55 15.16 1.98
CA GLN A 84 -10.61 15.62 0.58
C GLN A 84 -10.69 14.50 -0.41
N TYR A 85 -10.64 13.24 0.03
CA TYR A 85 -10.69 12.13 -0.94
C TYR A 85 -12.03 12.08 -1.66
N LYS A 86 -11.98 11.93 -2.98
CA LYS A 86 -13.13 11.68 -3.85
C LYS A 86 -12.85 10.50 -4.79
N MET A 87 -11.70 10.49 -5.44
CA MET A 87 -11.38 9.41 -6.41
C MET A 87 -9.86 9.25 -6.44
N ALA A 88 -9.43 8.02 -6.63
CA ALA A 88 -7.99 7.74 -6.58
C ALA A 88 -7.22 8.68 -7.51
N GLU A 89 -7.67 8.80 -8.75
CA GLU A 89 -6.89 9.57 -9.76
C GLU A 89 -6.84 11.07 -9.46
N SER A 90 -7.73 11.55 -8.57
N SER A 90 -7.67 11.60 -8.57
CA SER A 90 -7.81 12.97 -8.12
CA SER A 90 -7.56 13.03 -8.18
C SER A 90 -7.02 13.21 -6.82
C SER A 90 -6.60 13.24 -7.02
N GLY A 91 -6.34 12.18 -6.27
CA GLY A 91 -5.47 12.30 -5.12
C GLY A 91 -6.19 12.18 -3.78
N TYR A 92 -5.43 12.51 -2.74
CA TYR A 92 -5.89 12.35 -1.36
C TYR A 92 -6.24 10.88 -1.06
N ASP A 93 -5.58 9.97 -1.75
CA ASP A 93 -5.88 8.54 -1.65
C ASP A 93 -5.11 7.93 -0.48
N ILE A 94 -5.61 8.23 0.72
CA ILE A 94 -4.91 7.87 1.96
C ILE A 94 -5.96 7.67 3.04
N ALA A 95 -5.70 6.66 3.87
CA ALA A 95 -6.57 6.31 4.98
C ALA A 95 -5.74 5.64 6.06
N LEU A 96 -6.22 5.83 7.29
CA LEU A 96 -5.69 5.11 8.43
C LEU A 96 -6.74 4.11 8.95
N LEU A 97 -6.28 2.95 9.38
CA LEU A 97 -7.08 2.06 10.18
C LEU A 97 -6.52 2.04 11.59
N LYS A 98 -7.39 2.34 12.56
CA LYS A 98 -7.05 2.16 13.98
C LYS A 98 -7.50 0.76 14.39
N LEU A 99 -6.58 -0.04 14.87
CA LEU A 99 -6.86 -1.43 15.22
C LEU A 99 -7.48 -1.52 16.63
N GLU A 100 -8.19 -2.59 16.88
CA GLU A 100 -8.85 -2.80 18.17
C GLU A 100 -7.88 -3.17 19.27
N THR A 101 -6.67 -3.57 18.97
CA THR A 101 -5.67 -3.86 20.01
C THR A 101 -4.33 -3.54 19.39
N THR A 102 -3.30 -3.62 20.20
CA THR A 102 -1.93 -3.30 19.77
C THR A 102 -1.28 -4.52 19.14
N VAL A 103 -0.51 -4.25 18.13
CA VAL A 103 0.35 -5.24 17.46
C VAL A 103 1.60 -5.42 18.30
N ASN A 104 1.88 -6.66 18.69
N ASN A 104 1.90 -6.65 18.73
CA ASN A 104 3.17 -7.03 19.32
CA ASN A 104 3.21 -6.97 19.36
C ASN A 104 4.18 -7.20 18.19
C ASN A 104 4.20 -7.23 18.23
N TYR A 105 5.30 -6.48 18.21
CA TYR A 105 6.23 -6.56 17.08
C TYR A 105 7.09 -7.78 17.19
N THR A 106 7.27 -8.45 16.05
CA THR A 106 8.06 -9.67 15.93
C THR A 106 8.82 -9.63 14.61
N ASP A 107 9.56 -10.68 14.29
CA ASP A 107 10.29 -10.77 13.00
C ASP A 107 9.30 -10.67 11.86
N SER A 108 8.07 -11.10 12.06
N SER A 108 8.07 -11.11 12.07
CA SER A 108 7.07 -11.15 10.96
CA SER A 108 7.03 -11.21 11.02
C SER A 108 6.11 -9.96 10.94
C SER A 108 6.12 -9.97 10.94
N GLN A 109 6.11 -9.09 11.93
CA GLN A 109 5.20 -7.92 11.94
C GLN A 109 5.85 -6.80 12.73
N ARG A 110 6.13 -5.72 12.02
N ARG A 110 6.20 -5.74 12.02
CA ARG A 110 6.88 -4.56 12.55
CA ARG A 110 6.89 -4.55 12.57
C ARG A 110 6.46 -3.33 11.77
C ARG A 110 6.46 -3.33 11.78
N PRO A 111 6.58 -2.13 12.35
CA PRO A 111 6.26 -0.94 11.59
C PRO A 111 7.34 -0.49 10.64
N ILE A 112 6.93 0.32 9.68
CA ILE A 112 7.88 1.03 8.79
C ILE A 112 7.80 2.51 9.14
N SER A 113 8.96 3.15 9.13
CA SER A 113 9.07 4.60 9.33
C SER A 113 8.43 5.36 8.17
N LEU A 114 7.93 6.56 8.47
CA LEU A 114 7.58 7.48 7.41
C LEU A 114 8.83 8.14 6.86
N PRO A 115 8.76 8.84 5.71
CA PRO A 115 9.90 9.63 5.25
C PRO A 115 10.29 10.65 6.33
N SER A 116 11.58 10.77 6.62
CA SER A 116 12.01 11.43 7.85
C SER A 116 12.05 12.94 7.64
N LYS A 117 11.82 13.67 8.72
CA LYS A 117 12.08 15.13 8.76
C LYS A 117 13.55 15.34 8.34
N GLY A 118 13.80 16.23 7.41
CA GLY A 118 15.15 16.56 6.91
C GLY A 118 15.47 15.85 5.60
N ASP A 119 14.68 14.85 5.22
CA ASP A 119 14.93 14.03 3.99
C ASP A 119 14.08 14.46 2.78
N ARG A 120 13.48 15.67 2.78
CA ARG A 120 12.52 16.03 1.71
C ARG A 120 13.19 15.95 0.33
N ASN A 121 14.50 16.15 0.24
CA ASN A 121 15.18 16.16 -1.08
C ASN A 121 16.02 14.90 -1.28
N VAL A 122 15.82 13.87 -0.49
CA VAL A 122 16.54 12.59 -0.73
C VAL A 122 16.10 12.03 -2.06
N ILE A 123 17.07 11.51 -2.81
CA ILE A 123 16.85 10.78 -4.08
C ILE A 123 16.80 9.31 -3.78
N TYR A 124 15.60 8.73 -3.77
CA TYR A 124 15.44 7.30 -3.40
C TYR A 124 15.72 6.43 -4.63
N THR A 125 16.71 5.54 -4.55
CA THR A 125 17.11 4.64 -5.65
C THR A 125 16.89 3.16 -5.34
N ASP A 126 16.29 2.82 -4.21
CA ASP A 126 16.09 1.42 -3.82
C ASP A 126 14.67 1.21 -3.33
N CYS A 127 13.74 1.24 -4.28
CA CYS A 127 12.31 1.25 -3.95
C CYS A 127 11.63 -0.01 -4.48
N TRP A 128 10.76 -0.56 -3.65
CA TRP A 128 10.12 -1.86 -3.91
C TRP A 128 8.63 -1.74 -3.70
N VAL A 129 7.87 -2.35 -4.58
CA VAL A 129 6.40 -2.48 -4.45
C VAL A 129 6.10 -3.94 -4.16
N THR A 130 5.18 -4.17 -3.23
CA THR A 130 4.85 -5.51 -2.75
C THR A 130 3.36 -5.70 -2.69
N GLY A 131 2.92 -6.93 -2.86
CA GLY A 131 1.53 -7.23 -2.71
C GLY A 131 1.12 -8.59 -3.27
N TRP A 132 -0.15 -8.90 -3.06
CA TRP A 132 -0.77 -10.15 -3.53
C TRP A 132 -1.59 -9.90 -4.81
N GLY A 133 -1.38 -8.76 -5.46
CA GLY A 133 -2.19 -8.45 -6.64
C GLY A 133 -1.88 -9.29 -7.88
N TYR A 134 -2.62 -9.01 -8.93
CA TYR A 134 -2.53 -9.70 -10.22
C TYR A 134 -1.13 -9.64 -10.79
N ARG A 135 -0.80 -10.63 -11.59
CA ARG A 135 0.49 -10.67 -12.31
C ARG A 135 0.39 -10.02 -13.70
N LYS A 136 -0.81 -9.67 -14.11
CA LYS A 136 -1.08 -8.97 -15.37
C LYS A 136 -2.54 -8.53 -15.29
N LEU A 137 -2.97 -7.66 -16.19
CA LEU A 137 -4.28 -7.00 -16.01
C LEU A 137 -5.41 -8.02 -15.83
N ARG A 138 -5.39 -9.13 -16.58
CA ARG A 138 -6.43 -10.19 -16.47
C ARG A 138 -5.83 -11.37 -15.73
N ASP A 139 -6.14 -11.50 -14.44
CA ASP A 139 -5.51 -12.50 -13.56
C ASP A 139 -6.37 -12.68 -12.32
N LYS A 140 -5.72 -12.99 -11.22
CA LYS A 140 -6.39 -13.27 -9.95
C LYS A 140 -5.40 -12.93 -8.84
N ILE A 141 -5.90 -12.78 -7.64
CA ILE A 141 -5.03 -12.55 -6.46
C ILE A 141 -4.05 -13.73 -6.32
N GLN A 142 -2.80 -13.40 -6.03
CA GLN A 142 -1.72 -14.37 -5.87
C GLN A 142 -1.66 -14.90 -4.45
N ASN A 143 -1.22 -16.13 -4.28
CA ASN A 143 -1.06 -16.73 -2.95
C ASN A 143 0.12 -16.13 -2.20
N THR A 144 1.30 -16.10 -2.82
CA THR A 144 2.53 -15.69 -2.15
C THR A 144 2.80 -14.20 -2.41
N LEU A 145 3.03 -13.46 -1.35
CA LEU A 145 3.40 -12.04 -1.44
C LEU A 145 4.53 -11.86 -2.44
N GLN A 146 4.32 -10.98 -3.42
CA GLN A 146 5.30 -10.68 -4.46
C GLN A 146 5.99 -9.37 -4.18
N LYS A 147 7.20 -9.23 -4.77
CA LYS A 147 8.01 -8.00 -4.69
C LYS A 147 8.51 -7.64 -6.08
N ALA A 148 8.69 -6.37 -6.33
CA ALA A 148 9.36 -5.88 -7.53
C ALA A 148 10.07 -4.56 -7.22
N LYS A 149 11.28 -4.41 -7.71
CA LYS A 149 12.01 -3.13 -7.59
C LYS A 149 11.56 -2.22 -8.73
N ILE A 150 11.19 -1.00 -8.43
CA ILE A 150 10.68 -0.07 -9.45
C ILE A 150 11.37 1.26 -9.26
N PRO A 151 11.86 1.88 -10.36
CA PRO A 151 12.47 3.20 -10.26
C PRO A 151 11.42 4.29 -10.16
N LEU A 152 11.66 5.26 -9.29
CA LEU A 152 10.85 6.49 -9.28
C LEU A 152 11.05 7.26 -10.57
N VAL A 153 10.00 7.92 -11.02
CA VAL A 153 10.08 8.83 -12.17
C VAL A 153 9.71 10.20 -11.64
N THR A 154 10.12 11.24 -12.33
CA THR A 154 9.79 12.60 -11.86
C THR A 154 8.31 12.86 -12.11
N ASN A 155 7.76 13.77 -11.33
CA ASN A 155 6.38 14.21 -11.58
C ASN A 155 6.21 14.79 -12.98
N GLU A 156 7.21 15.51 -13.46
CA GLU A 156 7.13 16.11 -14.81
C GLU A 156 7.02 14.98 -15.85
N GLU A 157 7.81 13.91 -15.75
CA GLU A 157 7.67 12.79 -16.71
C GLU A 157 6.32 12.15 -16.53
N CYS A 158 5.93 11.89 -15.28
CA CYS A 158 4.65 11.23 -15.01
C CYS A 158 3.49 12.02 -15.62
N GLN A 159 3.49 13.32 -15.46
CA GLN A 159 2.39 14.14 -16.00
C GLN A 159 2.32 14.00 -17.53
N LYS A 160 3.45 13.89 -18.22
CA LYS A 160 3.48 13.74 -19.66
C LYS A 160 2.84 12.44 -20.10
N ARG A 161 2.84 11.41 -19.26
CA ARG A 161 2.23 10.12 -19.62
C ARG A 161 0.74 10.06 -19.32
N TYR A 162 0.24 11.02 -18.54
CA TYR A 162 -1.16 11.07 -18.07
C TYR A 162 -1.71 12.46 -18.32
N ARG A 163 -1.77 12.88 -19.59
CA ARG A 163 -2.22 14.25 -19.92
C ARG A 163 -3.71 14.46 -19.62
N GLY A 164 -4.45 13.40 -19.40
CA GLY A 164 -5.86 13.52 -19.01
C GLY A 164 -6.10 13.65 -17.53
N HIS A 165 -5.05 13.58 -16.72
CA HIS A 165 -5.14 13.64 -15.25
C HIS A 165 -4.28 14.75 -14.73
N LYS A 166 -4.52 15.18 -13.52
CA LYS A 166 -3.67 16.16 -12.83
C LYS A 166 -2.72 15.36 -11.91
N ILE A 167 -1.47 15.24 -12.30
CA ILE A 167 -0.47 14.59 -11.43
C ILE A 167 0.10 15.69 -10.54
N THR A 168 -0.22 15.62 -9.27
CA THR A 168 0.13 16.70 -8.31
C THR A 168 1.38 16.32 -7.51
N HIS A 169 1.87 17.30 -6.77
CA HIS A 169 3.02 17.06 -5.87
C HIS A 169 2.64 16.11 -4.74
N LYS A 170 1.34 15.82 -4.54
CA LYS A 170 0.88 14.87 -3.53
C LYS A 170 0.89 13.45 -4.08
N MET A 171 1.37 13.25 -5.29
CA MET A 171 1.52 11.92 -5.93
C MET A 171 3.00 11.70 -6.23
N ILE A 172 3.36 10.44 -6.35
CA ILE A 172 4.70 10.05 -6.81
C ILE A 172 4.50 8.92 -7.76
N CYS A 173 5.29 8.85 -8.82
CA CYS A 173 5.13 7.80 -9.82
C CYS A 173 6.38 6.93 -9.89
N ALA A 174 6.17 5.70 -10.32
CA ALA A 174 7.30 4.73 -10.43
C ALA A 174 7.02 3.78 -11.56
N GLY A 175 8.01 3.58 -12.40
CA GLY A 175 7.87 2.61 -13.49
C GLY A 175 9.09 2.59 -14.38
N TYR A 176 9.20 1.56 -15.19
CA TYR A 176 10.26 1.42 -16.20
C TYR A 176 9.77 2.03 -17.51
N ARG A 177 10.69 2.63 -18.25
CA ARG A 177 10.34 3.21 -19.58
C ARG A 177 9.68 2.12 -20.43
N GLU A 178 10.22 0.91 -20.45
CA GLU A 178 9.66 -0.16 -21.31
C GLU A 178 8.71 -1.07 -20.54
N GLY A 179 8.27 -0.66 -19.38
CA GLY A 179 7.27 -1.44 -18.62
C GLY A 179 7.84 -2.74 -18.11
N GLY A 180 6.95 -3.66 -17.79
CA GLY A 180 7.32 -5.04 -17.42
C GLY A 180 7.29 -5.32 -15.93
N LYS A 181 7.40 -4.30 -15.08
CA LYS A 181 7.26 -4.47 -13.62
C LYS A 181 6.40 -3.33 -13.12
N ASP A 182 5.43 -3.65 -12.28
CA ASP A 182 4.46 -2.65 -11.78
C ASP A 182 3.63 -3.28 -10.69
N ALA A 183 2.93 -2.46 -9.98
CA ALA A 183 1.76 -2.88 -9.21
C ALA A 183 0.66 -3.27 -10.17
N CYS A 184 -0.32 -4.01 -9.68
CA CYS A 184 -1.53 -4.30 -10.47
C CYS A 184 -2.72 -4.47 -9.53
N LYS A 185 -3.84 -4.89 -10.05
CA LYS A 185 -5.09 -5.04 -9.31
C LYS A 185 -4.90 -5.92 -8.09
N GLY A 186 -5.28 -5.40 -6.94
CA GLY A 186 -5.11 -6.13 -5.68
C GLY A 186 -3.89 -5.66 -4.89
N ASP A 187 -3.02 -4.86 -5.48
CA ASP A 187 -1.86 -4.29 -4.74
C ASP A 187 -2.19 -2.98 -4.04
N SER A 188 -3.25 -2.31 -4.46
CA SER A 188 -3.51 -0.98 -3.89
C SER A 188 -3.62 -1.02 -2.35
N GLY A 189 -3.24 0.11 -1.78
CA GLY A 189 -3.16 0.30 -0.34
C GLY A 189 -1.85 -0.15 0.25
N GLY A 190 -1.12 -1.03 -0.44
CA GLY A 190 0.17 -1.46 0.06
C GLY A 190 1.26 -0.44 -0.15
N PRO A 191 2.45 -0.79 0.35
CA PRO A 191 3.56 0.11 0.36
C PRO A 191 4.37 0.16 -0.94
N LEU A 192 4.93 1.36 -1.18
CA LEU A 192 6.16 1.54 -1.98
C LEU A 192 7.22 1.88 -0.95
N SER A 193 8.12 0.92 -0.69
CA SER A 193 9.07 0.99 0.42
C SER A 193 10.46 1.29 -0.16
N CYS A 194 11.15 2.30 0.36
CA CYS A 194 12.46 2.64 -0.16
C CYS A 194 13.48 2.56 0.95
N LYS A 195 14.63 1.97 0.67
CA LYS A 195 15.67 1.85 1.69
C LYS A 195 16.69 2.98 1.48
N HIS A 196 17.00 3.71 2.55
CA HIS A 196 17.94 4.84 2.51
C HIS A 196 18.81 4.73 3.76
N ASN A 197 20.13 4.71 3.60
CA ASN A 197 21.01 4.52 4.77
C ASN A 197 20.59 3.29 5.57
N GLU A 198 20.23 2.23 4.86
CA GLU A 198 19.87 0.90 5.43
CA GLU A 198 19.91 0.92 5.48
C GLU A 198 18.64 0.98 6.32
N VAL A 199 17.82 2.02 6.16
CA VAL A 199 16.53 2.13 6.87
C VAL A 199 15.43 2.19 5.81
N TRP A 200 14.37 1.41 6.03
CA TRP A 200 13.21 1.43 5.13
C TRP A 200 12.29 2.56 5.51
N HIS A 201 11.76 3.23 4.48
CA HIS A 201 10.77 4.30 4.66
C HIS A 201 9.61 4.09 3.71
N LEU A 202 8.42 4.42 4.21
CA LEU A 202 7.17 4.28 3.44
C LEU A 202 7.00 5.52 2.58
N VAL A 203 7.49 5.42 1.35
CA VAL A 203 7.52 6.58 0.43
C VAL A 203 6.18 6.72 -0.30
N GLY A 204 5.57 5.62 -0.70
CA GLY A 204 4.32 5.69 -1.42
C GLY A 204 3.29 4.72 -0.89
N ILE A 205 2.03 4.98 -1.27
CA ILE A 205 0.93 4.03 -1.11
C ILE A 205 0.41 3.72 -2.53
N THR A 206 0.38 2.44 -2.88
CA THR A 206 -0.06 2.02 -4.20
C THR A 206 -1.48 2.53 -4.44
N SER A 207 -1.68 3.29 -5.52
CA SER A 207 -2.96 4.03 -5.70
C SER A 207 -3.62 3.65 -7.02
N TRP A 208 -3.04 3.98 -8.18
CA TRP A 208 -3.72 3.72 -9.46
C TRP A 208 -2.73 3.67 -10.60
N GLY A 209 -3.22 3.06 -11.68
CA GLY A 209 -2.60 3.16 -13.00
C GLY A 209 -3.66 2.95 -14.04
N GLU A 210 -3.39 3.07 -15.33
N GLU A 210 -3.22 3.16 -15.27
CA GLU A 210 -4.44 2.92 -16.40
CA GLU A 210 -3.87 2.77 -16.54
C GLU A 210 -4.37 1.51 -16.99
C GLU A 210 -3.20 1.51 -17.08
N GLY A 211 -3.57 0.67 -16.37
N GLY A 211 -3.90 0.42 -16.78
CA GLY A 211 -3.15 -0.61 -16.93
CA GLY A 211 -3.37 -0.92 -16.98
C GLY A 211 -2.16 -1.15 -15.94
C GLY A 211 -2.21 -1.15 -16.04
N CYS A 212 -1.49 -2.23 -16.29
CA CYS A 212 -0.38 -2.70 -15.44
C CYS A 212 0.84 -2.95 -16.30
N ALA A 213 1.94 -2.34 -15.93
CA ALA A 213 3.26 -2.62 -16.50
C ALA A 213 3.35 -2.28 -17.99
N GLN A 214 2.52 -1.37 -18.48
CA GLN A 214 2.66 -0.93 -19.88
C GLN A 214 3.84 0.02 -20.02
N ARG A 215 4.41 0.07 -21.20
CA ARG A 215 5.52 1.01 -21.47
C ARG A 215 5.05 2.45 -21.26
N GLU A 216 5.91 3.25 -20.67
CA GLU A 216 5.70 4.70 -20.51
C GLU A 216 4.38 4.95 -19.78
N ARG A 217 4.03 4.09 -18.82
CA ARG A 217 2.80 4.30 -18.01
C ARG A 217 3.15 3.93 -16.59
N PRO A 218 3.80 4.83 -15.86
CA PRO A 218 4.24 4.51 -14.52
C PRO A 218 3.04 4.37 -13.58
N GLY A 219 3.21 3.54 -12.56
CA GLY A 219 2.21 3.48 -11.49
C GLY A 219 2.20 4.77 -10.70
N VAL A 220 1.04 5.08 -10.16
CA VAL A 220 0.84 6.32 -9.40
C VAL A 220 0.56 5.95 -7.94
N TYR A 221 1.28 6.60 -7.05
CA TYR A 221 1.28 6.31 -5.62
C TYR A 221 0.98 7.59 -4.87
N THR A 222 0.31 7.46 -3.73
CA THR A 222 0.18 8.61 -2.81
C THR A 222 1.55 8.96 -2.26
N ASN A 223 1.92 10.22 -2.32
CA ASN A 223 3.27 10.69 -1.90
C ASN A 223 3.22 10.90 -0.39
N VAL A 224 3.64 9.91 0.39
CA VAL A 224 3.43 9.88 1.84
C VAL A 224 4.06 11.10 2.53
N VAL A 225 5.20 11.56 2.04
CA VAL A 225 5.88 12.70 2.71
C VAL A 225 4.96 13.91 2.76
N GLU A 226 4.10 14.08 1.78
CA GLU A 226 3.18 15.23 1.72
C GLU A 226 1.99 15.08 2.67
N TYR A 227 1.87 13.96 3.36
CA TYR A 227 0.77 13.70 4.30
C TYR A 227 1.30 13.45 5.72
N VAL A 228 2.60 13.62 5.96
CA VAL A 228 3.15 13.32 7.30
C VAL A 228 2.42 14.15 8.37
N ASP A 229 2.14 15.42 8.11
CA ASP A 229 1.47 16.21 9.16
C ASP A 229 0.08 15.63 9.43
N TRP A 230 -0.65 15.23 8.38
CA TRP A 230 -1.99 14.63 8.52
C TRP A 230 -1.88 13.34 9.30
N ILE A 231 -0.92 12.49 8.97
CA ILE A 231 -0.78 11.20 9.65
C ILE A 231 -0.48 11.45 11.12
N LEU A 232 0.43 12.34 11.45
CA LEU A 232 0.80 12.60 12.86
C LEU A 232 -0.39 13.16 13.61
N GLU A 233 -1.16 14.06 12.98
CA GLU A 233 -2.34 14.64 13.67
C GLU A 233 -3.32 13.51 14.00
N LYS A 234 -3.58 12.64 13.04
CA LYS A 234 -4.62 11.61 13.24
C LYS A 234 -4.13 10.55 14.25
N THR A 235 -2.85 10.26 14.32
CA THR A 235 -2.34 9.17 15.17
C THR A 235 -1.90 9.71 16.54
N GLN A 236 -2.04 11.01 16.81
CA GLN A 236 -1.99 11.66 18.16
C GLN A 236 -0.93 12.75 18.03
#